data_4AZ2
#
_entry.id   4AZ2
#
_cell.length_a   90.800
_cell.length_b   90.800
_cell.length_c   132.500
_cell.angle_alpha   90.00
_cell.angle_beta   90.00
_cell.angle_gamma   90.00
#
_symmetry.space_group_name_H-M   'P 43 21 2'
#
loop_
_entity.id
_entity.type
_entity.pdbx_description
1 polymer 'THROMBIN LIGHT CHAIN'
2 polymer 'THROMBIN HEAVY CHAIN'
3 polymer "HIRUDIN-3A'"
4 non-polymer (R)-N-((S)-1-CARBAMIMIDOYL-PIPERIDIN-3-YLMETHYL)-2-(NAPHTHALENE-2-SULFONYLAMINO)-3-PHENYL-PROPIONAMIDE
5 non-polymer 2-acetamido-2-deoxy-beta-D-glucopyranose
6 water water
#
loop_
_entity_poly.entity_id
_entity_poly.type
_entity_poly.pdbx_seq_one_letter_code
_entity_poly.pdbx_strand_id
1 'polypeptide(L)' GEADCGLRPLFEKKSLEDKTERELLESYID A
2 'polypeptide(L)'
;IVEGSDAEIGMSPWQVMLFRKSPQELLCGASLISDRWVLTAAHCLLYPPWDKNFTENDLLVRIGKHSRTRYERNIEKISM
LEKIYIHPRYNWRENLDRDIALMKLKKPVAFSDYIHPVCLPDRETAASLLQAGYKGRVTGWGNLKETWTANVGKGQPSVL
QVVNLPIVERPVCKDSTRIRITDNMFCAGYKPDEGKRGDACEGDSGGPFVMKSPFNNRWYQMGIVSWGEGCDRDGKYGFY
THVFRLKKWIQKVIDQF
;
B
3 'polypeptide(L)' DFEEIPEEYLQ D
#
loop_
_chem_comp.id
_chem_comp.type
_chem_comp.name
_chem_comp.formula
9MU non-polymer (R)-N-((S)-1-CARBAMIMIDOYL-PIPERIDIN-3-YLMETHYL)-2-(NAPHTHALENE-2-SULFONYLAMINO)-3-PHENYL-PROPIONAMIDE 'C26 H31 N5 O3 S'
NAG D-saccharide, beta linking 2-acetamido-2-deoxy-beta-D-glucopyranose 'C8 H15 N O6'
#
# COMPACT_ATOMS: atom_id res chain seq x y z
N GLY A 1 7.87 17.11 20.15
CA GLY A 1 7.80 17.46 18.70
C GLY A 1 7.00 16.51 17.81
N GLU A 2 7.50 16.28 16.60
CA GLU A 2 6.87 15.42 15.58
C GLU A 2 6.86 13.96 16.02
N ALA A 3 5.72 13.29 15.86
CA ALA A 3 5.58 11.90 16.25
C ALA A 3 6.59 11.05 15.48
N ASP A 4 7.24 10.15 16.21
CA ASP A 4 8.05 9.07 15.68
C ASP A 4 7.34 8.30 14.53
N CYS A 5 8.08 8.00 13.46
CA CYS A 5 7.50 7.38 12.30
C CYS A 5 8.56 6.73 11.43
N GLY A 6 8.21 5.63 10.77
CA GLY A 6 9.06 5.03 9.75
C GLY A 6 10.30 4.37 10.32
N LEU A 7 10.37 4.21 11.65
CA LEU A 7 11.41 3.43 12.31
C LEU A 7 10.80 2.17 12.98
N ARG A 8 11.10 1.02 12.44
CA ARG A 8 10.37 -0.17 12.85
C ARG A 8 10.90 -0.73 14.17
N PRO A 9 9.99 -0.99 15.15
CA PRO A 9 10.42 -1.53 16.44
C PRO A 9 11.30 -2.78 16.30
N LEU A 10 11.01 -3.65 15.35
CA LEU A 10 11.80 -4.89 15.24
C LEU A 10 12.98 -4.79 14.29
N PHE A 11 13.20 -3.63 13.67
CA PHE A 11 14.37 -3.50 12.80
C PHE A 11 15.25 -2.29 13.14
N GLU A 12 14.94 -1.11 12.61
CA GLU A 12 15.76 0.09 12.90
C GLU A 12 16.01 0.27 14.39
N LYS A 13 14.96 0.09 15.21
CA LYS A 13 15.08 0.28 16.65
C LYS A 13 15.92 -0.77 17.39
N LYS A 14 16.24 -1.87 16.74
CA LYS A 14 17.11 -2.87 17.32
C LYS A 14 18.40 -3.00 16.49
N SER A 15 18.62 -2.05 15.57
CA SER A 15 19.72 -2.09 14.60
C SER A 15 19.81 -3.37 13.79
N LEU A 16 18.69 -4.04 13.55
CA LEU A 16 18.66 -5.18 12.65
C LEU A 16 18.20 -4.72 11.28
N GLU A 17 18.75 -5.32 10.24
CA GLU A 17 18.27 -4.99 8.91
C GLU A 17 17.45 -6.12 8.23
N ASP A 18 16.46 -5.79 7.42
CA ASP A 18 15.67 -6.87 6.84
C ASP A 18 16.38 -7.52 5.66
N LYS A 19 15.92 -8.70 5.26
CA LYS A 19 16.54 -9.52 4.22
C LYS A 19 16.88 -8.77 2.93
N THR A 20 16.06 -7.82 2.52
CA THR A 20 16.26 -7.24 1.20
C THR A 20 16.41 -5.73 1.14
N GLU A 21 16.50 -5.04 2.30
CA GLU A 21 16.55 -3.56 2.29
C GLU A 21 17.80 -3.04 1.61
N ARG A 22 18.89 -3.78 1.78
CA ARG A 22 20.17 -3.48 1.13
C ARG A 22 20.01 -3.26 -0.37
N GLU A 23 19.17 -4.06 -1.02
CA GLU A 23 18.86 -3.83 -2.45
C GLU A 23 18.34 -2.39 -2.72
N LEU A 24 17.49 -1.86 -1.84
CA LEU A 24 16.93 -0.51 -2.01
C LEU A 24 18.02 0.56 -1.93
N LEU A 25 18.79 0.54 -0.83
CA LEU A 25 19.91 1.48 -0.59
C LEU A 25 20.98 1.52 -1.72
N GLU A 26 21.44 0.34 -2.16
CA GLU A 26 22.32 0.23 -3.34
C GLU A 26 21.77 0.89 -4.60
N SER A 27 20.46 0.87 -4.80
CA SER A 27 19.92 1.50 -6.00
C SER A 27 20.24 3.00 -6.05
N TYR A 28 20.45 3.62 -4.89
CA TYR A 28 20.76 5.06 -4.81
C TYR A 28 22.15 5.44 -5.36
N ILE A 29 23.04 4.46 -5.42
CA ILE A 29 24.44 4.72 -5.73
C ILE A 29 24.97 3.92 -6.94
N ASP A 30 24.20 3.89 -8.03
CA ASP A 30 24.65 3.28 -9.30
C ASP A 30 24.95 4.27 -10.45
N ILE B 1 0.86 -9.63 -4.86
CA ILE B 1 2.27 -9.44 -5.31
C ILE B 1 2.73 -10.65 -6.15
N VAL B 2 3.09 -10.35 -7.40
CA VAL B 2 3.70 -11.30 -8.31
C VAL B 2 5.22 -11.27 -8.15
N GLU B 3 5.82 -12.45 -7.97
CA GLU B 3 7.27 -12.66 -7.98
C GLU B 3 7.97 -11.95 -6.83
N GLY B 4 7.28 -11.86 -5.70
CA GLY B 4 7.88 -11.30 -4.51
C GLY B 4 8.27 -12.43 -3.60
N SER B 5 8.38 -12.17 -2.31
CA SER B 5 8.64 -13.24 -1.37
C SER B 5 7.98 -12.92 -0.02
N ASP B 6 8.04 -13.86 0.92
CA ASP B 6 7.42 -13.72 2.24
C ASP B 6 8.01 -12.58 3.03
N ALA B 7 7.18 -11.72 3.61
CA ALA B 7 7.67 -10.72 4.53
C ALA B 7 8.24 -11.38 5.77
N GLU B 8 9.23 -10.77 6.40
CA GLU B 8 9.55 -11.11 7.78
C GLU B 8 8.51 -10.48 8.71
N ILE B 9 8.34 -11.07 9.89
CA ILE B 9 7.40 -10.59 10.90
C ILE B 9 7.83 -9.19 11.25
N GLY B 10 6.87 -8.25 11.28
CA GLY B 10 7.16 -6.86 11.70
C GLY B 10 7.89 -5.96 10.69
N MET B 11 8.09 -6.46 9.48
CA MET B 11 8.85 -5.80 8.45
C MET B 11 8.07 -4.61 7.87
N SER B 12 6.77 -4.63 8.03
CA SER B 12 5.96 -3.60 7.44
C SER B 12 4.83 -3.23 8.39
N PRO B 13 5.19 -2.64 9.55
CA PRO B 13 4.18 -2.55 10.62
C PRO B 13 3.10 -1.50 10.38
N TRP B 14 3.17 -0.79 9.25
CA TRP B 14 2.14 0.20 8.87
C TRP B 14 1.14 -0.39 7.89
N GLN B 15 1.39 -1.61 7.44
CA GLN B 15 0.47 -2.29 6.51
C GLN B 15 -0.88 -2.55 7.18
N VAL B 16 -1.94 -2.14 6.50
CA VAL B 16 -3.30 -2.33 6.97
C VAL B 16 -4.05 -3.19 5.95
N MET B 17 -4.93 -4.06 6.45
CA MET B 17 -5.83 -4.87 5.61
C MET B 17 -7.24 -4.24 5.65
N LEU B 18 -7.83 -3.93 4.49
CA LEU B 18 -9.26 -3.57 4.45
C LEU B 18 -10.08 -4.82 4.27
N PHE B 19 -10.99 -5.01 5.21
CA PHE B 19 -11.72 -6.26 5.30
C PHE B 19 -13.22 -6.02 5.22
N ARG B 20 -13.86 -6.67 4.26
CA ARG B 20 -15.29 -6.58 4.07
C ARG B 20 -16.01 -7.47 5.09
N LYS B 21 -17.07 -6.96 5.71
CA LYS B 21 -17.76 -7.71 6.76
C LYS B 21 -18.56 -8.90 6.24
N SER B 22 -19.26 -8.70 5.12
CA SER B 22 -20.24 -9.65 4.61
C SER B 22 -20.46 -9.44 3.11
N PRO B 23 -20.02 -10.40 2.27
CA PRO B 23 -19.23 -11.58 2.64
C PRO B 23 -17.84 -11.19 3.18
N GLN B 24 -17.27 -12.02 4.07
CA GLN B 24 -15.91 -11.83 4.55
C GLN B 24 -14.92 -12.04 3.41
N GLU B 25 -14.26 -10.96 2.99
CA GLU B 25 -13.21 -11.03 1.96
C GLU B 25 -12.17 -9.89 2.09
N LEU B 26 -10.95 -10.15 1.62
CA LEU B 26 -9.93 -9.10 1.51
C LEU B 26 -10.33 -8.10 0.43
N LEU B 27 -10.48 -6.83 0.80
CA LEU B 27 -10.83 -5.81 -0.20
C LEU B 27 -9.62 -5.19 -0.89
N CYS B 28 -8.61 -4.83 -0.10
CA CYS B 28 -7.54 -3.91 -0.48
C CYS B 28 -6.51 -3.77 0.63
N GLY B 29 -5.34 -3.24 0.29
CA GLY B 29 -4.36 -2.78 1.29
C GLY B 29 -4.61 -1.33 1.69
N ALA B 30 -3.88 -0.90 2.71
CA ALA B 30 -3.91 0.48 3.17
C ALA B 30 -2.66 0.66 4.01
N SER B 31 -2.46 1.87 4.55
CA SER B 31 -1.33 2.09 5.47
C SER B 31 -1.70 2.98 6.66
N LEU B 32 -1.02 2.75 7.77
CA LEU B 32 -1.24 3.51 8.99
C LEU B 32 -0.35 4.76 9.00
N ILE B 33 -0.96 5.96 9.07
CA ILE B 33 -0.16 7.20 9.10
C ILE B 33 -0.15 7.94 10.44
N SER B 34 -1.11 7.66 11.31
CA SER B 34 -1.03 8.07 12.71
C SER B 34 -1.86 7.08 13.51
N ASP B 35 -2.15 7.38 14.78
CA ASP B 35 -2.97 6.46 15.56
C ASP B 35 -4.48 6.43 15.19
N ARG B 36 -4.94 7.35 14.34
N ARG B 36 -4.89 7.37 14.34
CA ARG B 36 -6.36 7.34 13.96
CA ARG B 36 -6.29 7.64 13.99
C ARG B 36 -6.61 7.56 12.48
C ARG B 36 -6.58 7.51 12.51
N TRP B 37 -5.55 7.59 11.67
CA TRP B 37 -5.75 7.78 10.25
C TRP B 37 -5.11 6.73 9.40
N VAL B 38 -5.83 6.32 8.37
CA VAL B 38 -5.40 5.28 7.46
C VAL B 38 -5.52 5.81 6.05
N LEU B 39 -4.49 5.57 5.25
CA LEU B 39 -4.46 6.04 3.88
C LEU B 39 -4.65 4.85 2.90
N THR B 40 -5.51 5.02 1.89
CA THR B 40 -5.74 3.97 0.89
C THR B 40 -6.04 4.57 -0.50
N ALA B 41 -6.34 3.74 -1.51
CA ALA B 41 -6.79 4.23 -2.83
C ALA B 41 -8.28 4.51 -2.83
N ALA B 42 -8.70 5.59 -3.52
CA ALA B 42 -10.12 5.90 -3.67
C ALA B 42 -10.89 4.73 -4.33
N HIS B 43 -10.31 4.15 -5.38
CA HIS B 43 -11.02 3.15 -6.14
C HIS B 43 -11.27 1.84 -5.34
N CYS B 44 -10.59 1.67 -4.20
CA CYS B 44 -10.96 0.58 -3.28
C CYS B 44 -12.36 0.73 -2.71
N LEU B 45 -12.83 1.96 -2.58
CA LEU B 45 -14.09 2.22 -1.89
C LEU B 45 -15.24 2.66 -2.84
N LEU B 46 -14.88 3.34 -3.93
CA LEU B 46 -15.84 3.99 -4.79
C LEU B 46 -15.45 3.80 -6.23
N TYR B 47 -16.25 3.02 -6.95
CA TYR B 47 -16.12 2.90 -8.39
C TYR B 47 -17.51 2.63 -9.03
N PRO B 48 -18.25 3.70 -9.38
CA PRO B 48 -19.64 3.54 -9.86
C PRO B 48 -19.88 2.65 -11.10
N PRO B 49 -18.96 2.62 -12.08
CA PRO B 49 -19.19 1.65 -13.19
C PRO B 49 -19.44 0.19 -12.76
N TRP B 50 -18.85 -0.29 -11.67
CA TRP B 50 -19.24 -1.61 -11.13
C TRP B 50 -20.06 -1.49 -9.86
N ASP B 51 -20.85 -0.42 -9.75
CA ASP B 51 -21.72 -0.20 -8.60
C ASP B 51 -21.04 -0.52 -7.25
N LYS B 52 -19.80 -0.04 -7.11
CA LYS B 52 -19.01 -0.16 -5.88
C LYS B 52 -19.06 1.16 -5.11
N ASN B 53 -19.60 1.12 -3.90
CA ASN B 53 -19.74 2.29 -3.09
C ASN B 53 -19.81 1.85 -1.63
N PHE B 54 -18.66 1.54 -1.03
CA PHE B 54 -18.60 1.08 0.38
C PHE B 54 -18.71 2.21 1.41
N THR B 55 -19.33 1.88 2.54
CA THR B 55 -19.69 2.78 3.62
C THR B 55 -18.85 2.43 4.84
N GLU B 56 -18.79 3.35 5.82
CA GLU B 56 -18.16 3.11 7.12
C GLU B 56 -18.57 1.81 7.82
N ASN B 57 -19.79 1.36 7.58
CA ASN B 57 -20.34 0.19 8.27
C ASN B 57 -20.09 -1.11 7.54
N ASP B 58 -19.69 -1.00 6.27
CA ASP B 58 -19.42 -2.15 5.44
C ASP B 58 -18.04 -2.81 5.67
N LEU B 59 -17.17 -2.14 6.44
CA LEU B 59 -15.75 -2.45 6.43
C LEU B 59 -15.17 -2.47 7.80
N LEU B 60 -14.20 -3.35 7.95
CA LEU B 60 -13.30 -3.34 9.07
C LEU B 60 -11.87 -3.05 8.57
N VAL B 61 -11.06 -2.52 9.46
CA VAL B 61 -9.65 -2.28 9.22
C VAL B 61 -8.92 -3.21 10.18
N ARG B 62 -7.99 -4.00 9.67
CA ARG B 62 -7.22 -4.91 10.51
C ARG B 62 -5.70 -4.56 10.47
N ILE B 63 -5.12 -4.27 11.63
CA ILE B 63 -3.77 -3.73 11.73
C ILE B 63 -2.86 -4.67 12.48
N GLY B 64 -1.60 -4.78 12.07
CA GLY B 64 -0.63 -5.65 12.73
C GLY B 64 -0.55 -7.08 12.18
N LYS B 65 -1.14 -7.33 11.01
CA LYS B 65 -1.27 -8.69 10.53
C LYS B 65 -0.01 -9.20 9.81
N HIS B 66 0.20 -10.52 9.87
CA HIS B 66 1.21 -11.19 9.07
C HIS B 66 0.49 -12.21 8.13
N SER B 67 -0.25 -13.15 8.71
CA SER B 67 -1.07 -14.12 7.98
C SER B 67 -2.23 -13.46 7.23
N ARG B 68 -2.54 -13.93 6.02
CA ARG B 68 -3.69 -13.43 5.31
C ARG B 68 -5.01 -13.80 6.03
N THR B 69 -5.09 -15.03 6.54
CA THR B 69 -6.40 -15.62 6.88
C THR B 69 -6.66 -15.79 8.38
N ARG B 70 -5.59 -15.94 9.16
CA ARG B 70 -5.73 -16.19 10.60
C ARG B 70 -6.25 -14.99 11.35
N TYR B 71 -6.91 -15.25 12.47
CA TYR B 71 -7.22 -14.21 13.43
C TYR B 71 -6.08 -14.25 14.40
N GLU B 72 -5.22 -13.22 14.36
CA GLU B 72 -3.96 -13.27 15.07
C GLU B 72 -4.18 -12.57 16.42
N ARG B 73 -4.81 -13.34 17.30
CA ARG B 73 -5.41 -12.91 18.57
C ARG B 73 -4.47 -11.98 19.35
N ASN B 74 -3.21 -12.38 19.53
CA ASN B 74 -2.27 -11.60 20.35
C ASN B 74 -1.67 -10.32 19.73
N ILE B 75 -1.91 -10.08 18.46
CA ILE B 75 -1.05 -9.23 17.68
C ILE B 75 -1.83 -8.20 16.87
N GLU B 76 -2.94 -8.62 16.29
CA GLU B 76 -3.66 -7.73 15.40
C GLU B 76 -4.70 -6.92 16.18
N LYS B 77 -5.07 -5.76 15.66
CA LYS B 77 -6.14 -4.95 16.21
C LYS B 77 -7.16 -4.74 15.12
N ILE B 78 -8.43 -4.85 15.46
CA ILE B 78 -9.49 -4.67 14.50
C ILE B 78 -10.21 -3.40 14.85
N SER B 79 -10.45 -2.51 13.89
CA SER B 79 -11.08 -1.23 14.20
C SER B 79 -12.22 -0.95 13.27
N MET B 80 -13.18 -0.16 13.76
CA MET B 80 -14.27 0.29 12.94
C MET B 80 -13.96 1.69 12.43
N LEU B 81 -14.64 2.13 11.39
CA LEU B 81 -14.41 3.44 10.82
C LEU B 81 -15.43 4.51 11.26
N GLU B 82 -14.94 5.67 11.66
CA GLU B 82 -15.80 6.80 11.90
C GLU B 82 -16.21 7.45 10.58
N LYS B 83 -15.26 7.72 9.70
CA LYS B 83 -15.56 8.53 8.52
C LYS B 83 -14.57 8.28 7.39
N ILE B 84 -15.08 8.25 6.16
CA ILE B 84 -14.30 8.06 4.94
C ILE B 84 -14.28 9.38 4.19
N TYR B 85 -13.11 9.78 3.68
CA TYR B 85 -12.94 10.97 2.86
C TYR B 85 -12.28 10.63 1.53
N ILE B 86 -12.95 10.97 0.44
CA ILE B 86 -12.42 10.73 -0.89
C ILE B 86 -12.03 12.05 -1.56
N HIS B 87 -10.90 12.08 -2.25
CA HIS B 87 -10.53 13.32 -2.94
C HIS B 87 -11.66 13.85 -3.85
N PRO B 88 -12.05 15.12 -3.65
CA PRO B 88 -13.17 15.70 -4.41
C PRO B 88 -12.99 15.61 -5.92
N ARG B 89 -11.75 15.67 -6.41
CA ARG B 89 -11.50 15.63 -7.86
C ARG B 89 -10.92 14.30 -8.34
N TYR B 90 -11.25 13.24 -7.60
CA TYR B 90 -10.92 11.86 -7.96
C TYR B 90 -11.64 11.50 -9.25
N ASN B 91 -10.90 11.11 -10.26
CA ASN B 91 -11.48 10.92 -11.56
C ASN B 91 -11.60 9.43 -11.95
N TRP B 92 -12.77 8.85 -11.71
CA TRP B 92 -13.00 7.43 -11.99
C TRP B 92 -13.44 7.13 -13.43
N ARG B 93 -13.85 8.19 -14.15
CA ARG B 93 -14.32 8.09 -15.55
C ARG B 93 -13.21 7.69 -16.53
N GLU B 94 -12.06 8.36 -16.52
CA GLU B 94 -11.06 8.03 -17.54
C GLU B 94 -9.71 7.46 -17.12
N ASN B 95 -9.19 7.82 -15.95
CA ASN B 95 -7.82 7.38 -15.63
C ASN B 95 -7.48 7.12 -14.17
N LEU B 96 -8.47 7.19 -13.28
CA LEU B 96 -8.21 7.02 -11.83
C LEU B 96 -7.24 8.09 -11.31
N ASP B 97 -7.41 9.30 -11.82
CA ASP B 97 -6.60 10.44 -11.42
C ASP B 97 -7.00 10.81 -10.00
N ARG B 98 -6.00 11.11 -9.18
CA ARG B 98 -6.18 11.41 -7.77
C ARG B 98 -6.79 10.23 -6.96
N ASP B 99 -6.19 9.07 -7.15
CA ASP B 99 -6.71 7.87 -6.55
C ASP B 99 -6.26 7.80 -5.08
N ILE B 100 -6.98 8.51 -4.22
CA ILE B 100 -6.54 8.65 -2.84
C ILE B 100 -7.76 8.82 -1.92
N ALA B 101 -7.66 8.27 -0.72
CA ALA B 101 -8.74 8.35 0.27
C ALA B 101 -8.15 8.25 1.66
N LEU B 102 -8.81 8.89 2.62
CA LEU B 102 -8.44 8.82 4.00
C LEU B 102 -9.57 8.19 4.83
N MET B 103 -9.22 7.55 5.94
CA MET B 103 -10.20 6.92 6.78
C MET B 103 -9.88 7.19 8.22
N LYS B 104 -10.87 7.66 8.97
CA LYS B 104 -10.65 7.96 10.37
C LYS B 104 -11.18 6.81 11.20
N LEU B 105 -10.36 6.28 12.08
CA LEU B 105 -10.78 5.20 12.95
C LEU B 105 -11.66 5.74 14.07
N LYS B 106 -12.64 4.94 14.48
CA LYS B 106 -13.55 5.28 15.58
C LYS B 106 -12.82 5.53 16.92
N LYS B 107 -11.82 4.70 17.24
CA LYS B 107 -10.95 4.85 18.42
C LYS B 107 -9.46 4.77 17.99
N PRO B 108 -8.54 5.45 18.69
CA PRO B 108 -7.10 5.32 18.39
C PRO B 108 -6.54 3.92 18.65
N VAL B 109 -5.58 3.47 17.84
CA VAL B 109 -4.93 2.18 18.11
C VAL B 109 -3.66 2.45 18.89
N ALA B 110 -3.33 1.50 19.75
CA ALA B 110 -2.10 1.52 20.53
C ALA B 110 -0.99 0.95 19.65
N PHE B 111 0.14 1.65 19.55
CA PHE B 111 1.26 1.13 18.77
C PHE B 111 1.87 -0.02 19.54
N SER B 112 2.66 -0.86 18.88
CA SER B 112 3.27 -2.04 19.51
C SER B 112 4.42 -2.41 18.61
N ASP B 113 5.00 -3.61 18.77
CA ASP B 113 6.08 -4.03 17.89
C ASP B 113 5.63 -4.33 16.47
N TYR B 114 4.32 -4.47 16.29
CA TYR B 114 3.75 -4.95 15.04
C TYR B 114 2.90 -3.88 14.37
N ILE B 115 2.64 -2.79 15.08
CA ILE B 115 1.81 -1.70 14.62
C ILE B 115 2.58 -0.37 14.82
N HIS B 116 2.90 0.32 13.72
CA HIS B 116 3.73 1.55 13.76
C HIS B 116 3.53 2.35 12.48
N PRO B 117 3.36 3.68 12.57
CA PRO B 117 3.07 4.47 11.36
C PRO B 117 4.27 4.74 10.43
N VAL B 118 3.99 5.01 9.17
CA VAL B 118 5.02 5.31 8.16
C VAL B 118 5.11 6.83 8.07
N CYS B 119 6.21 7.38 7.57
CA CYS B 119 6.28 8.84 7.42
C CYS B 119 5.75 9.23 6.08
N LEU B 120 5.06 10.38 6.02
CA LEU B 120 4.81 11.04 4.75
C LEU B 120 6.00 11.95 4.35
N PRO B 121 6.29 12.08 3.05
CA PRO B 121 7.51 12.83 2.69
C PRO B 121 7.31 14.35 2.72
N ASP B 122 8.38 15.08 3.02
CA ASP B 122 8.39 16.53 2.79
C ASP B 122 8.92 16.80 1.38
N ARG B 123 8.99 18.08 1.01
CA ARG B 123 9.51 18.53 -0.29
C ARG B 123 10.92 18.00 -0.64
N GLU B 124 11.86 18.02 0.31
CA GLU B 124 13.25 17.63 0.04
C GLU B 124 13.37 16.14 -0.18
N THR B 125 12.65 15.37 0.64
CA THR B 125 12.62 13.91 0.52
C THR B 125 12.04 13.47 -0.83
N ALA B 126 10.90 14.04 -1.20
CA ALA B 126 10.27 13.78 -2.49
C ALA B 126 11.22 14.06 -3.66
N ALA B 127 11.90 15.21 -3.63
CA ALA B 127 12.83 15.58 -4.72
C ALA B 127 14.07 14.69 -4.80
N SER B 128 14.61 14.27 -3.66
CA SER B 128 15.77 13.37 -3.65
C SER B 128 15.45 11.94 -4.07
N LEU B 129 14.34 11.40 -3.55
CA LEU B 129 14.07 9.98 -3.63
C LEU B 129 13.27 9.57 -4.88
N LEU B 130 12.36 10.43 -5.34
CA LEU B 130 11.58 10.08 -6.52
C LEU B 130 12.34 10.29 -7.82
N GLN B 131 13.27 9.41 -8.13
CA GLN B 131 14.04 9.52 -9.36
C GLN B 131 14.08 8.17 -10.06
N ALA B 132 13.90 8.20 -11.38
CA ALA B 132 14.01 6.99 -12.22
C ALA B 132 15.22 6.14 -11.87
N GLY B 133 15.06 4.83 -11.73
CA GLY B 133 16.17 3.94 -11.43
C GLY B 133 16.30 3.63 -9.96
N TYR B 134 15.80 4.51 -9.09
CA TYR B 134 15.77 4.20 -7.66
C TYR B 134 14.61 3.22 -7.35
N LYS B 135 14.84 2.36 -6.34
CA LYS B 135 13.91 1.31 -5.95
C LYS B 135 13.10 1.61 -4.67
N GLY B 136 11.82 1.25 -4.71
CA GLY B 136 10.93 1.27 -3.54
C GLY B 136 10.35 -0.12 -3.30
N ARG B 137 9.53 -0.22 -2.28
CA ARG B 137 9.01 -1.51 -1.86
C ARG B 137 7.48 -1.54 -1.82
N VAL B 138 6.92 -2.64 -2.29
CA VAL B 138 5.46 -2.79 -2.30
C VAL B 138 5.11 -4.03 -1.49
N THR B 139 4.10 -3.94 -0.63
CA THR B 139 3.67 -5.09 0.16
C THR B 139 2.17 -5.32 0.02
N GLY B 140 1.75 -6.57 0.15
CA GLY B 140 0.31 -6.85 0.19
C GLY B 140 -0.05 -8.31 0.26
N TRP B 141 -1.34 -8.59 0.38
CA TRP B 141 -1.81 -9.96 0.45
C TRP B 141 -2.57 -10.33 -0.83
N GLY B 142 -2.36 -9.57 -1.91
CA GLY B 142 -3.12 -9.80 -3.15
C GLY B 142 -2.55 -10.97 -3.93
N ASN B 143 -3.06 -11.21 -5.14
CA ASN B 143 -2.82 -12.45 -5.91
C ASN B 143 -1.38 -12.63 -6.34
N LEU B 144 -0.96 -13.89 -6.47
CA LEU B 144 0.43 -14.25 -6.79
C LEU B 144 0.70 -14.34 -8.30
N LYS B 145 -0.37 -14.34 -9.09
CA LYS B 145 -0.30 -14.48 -10.56
C LYS B 145 -1.51 -13.76 -11.10
N GLU B 146 -1.44 -13.32 -12.34
CA GLU B 146 -2.62 -12.70 -12.95
C GLU B 146 -3.74 -13.73 -13.04
N THR B 147 -3.38 -14.93 -13.44
CA THR B 147 -4.36 -15.95 -13.70
C THR B 147 -3.76 -17.28 -13.26
N TRP B 148 -4.60 -18.23 -12.87
CA TRP B 148 -4.10 -19.56 -12.53
C TRP B 148 -5.19 -20.62 -12.72
N THR B 149 -4.80 -21.89 -12.70
CA THR B 149 -5.75 -22.99 -12.92
C THR B 149 -6.63 -23.17 -11.68
N ALA B 150 -7.95 -23.12 -11.88
CA ALA B 150 -8.88 -23.19 -10.75
C ALA B 150 -8.75 -24.46 -9.88
N ASN B 151 -8.78 -24.27 -8.55
CA ASN B 151 -8.65 -25.36 -7.57
C ASN B 151 -7.40 -26.19 -7.64
N VAL B 152 -6.38 -25.74 -8.35
CA VAL B 152 -5.13 -26.49 -8.45
C VAL B 152 -3.99 -25.55 -8.08
N GLY B 153 -3.71 -24.58 -8.96
CA GLY B 153 -2.74 -23.51 -8.72
C GLY B 153 -3.02 -22.73 -7.43
N LYS B 154 -1.98 -22.06 -6.92
CA LYS B 154 -2.13 -21.01 -5.90
C LYS B 154 -1.51 -19.77 -6.55
N GLY B 155 -2.20 -18.62 -6.54
CA GLY B 155 -3.45 -18.35 -5.81
C GLY B 155 -3.27 -17.06 -4.99
N GLN B 156 -3.68 -17.15 -3.73
CA GLN B 156 -3.47 -16.16 -2.72
C GLN B 156 -2.35 -16.65 -1.83
N PRO B 157 -1.52 -15.72 -1.32
CA PRO B 157 -0.42 -16.07 -0.43
C PRO B 157 -0.95 -16.42 0.95
N SER B 158 -0.18 -17.11 1.75
CA SER B 158 -0.70 -17.33 3.08
C SER B 158 -0.20 -16.28 4.09
N VAL B 159 0.96 -15.69 3.81
CA VAL B 159 1.47 -14.56 4.58
C VAL B 159 1.74 -13.35 3.67
N LEU B 160 1.84 -12.16 4.26
CA LEU B 160 2.20 -10.91 3.57
C LEU B 160 3.41 -11.07 2.61
N GLN B 161 3.25 -10.51 1.41
CA GLN B 161 4.31 -10.56 0.38
C GLN B 161 4.98 -9.20 0.19
N VAL B 162 6.21 -9.24 -0.32
CA VAL B 162 7.06 -8.05 -0.52
C VAL B 162 7.82 -8.16 -1.84
N VAL B 163 7.92 -7.05 -2.56
CA VAL B 163 8.71 -6.98 -3.77
C VAL B 163 9.33 -5.55 -3.88
N ASN B 164 10.60 -5.48 -4.30
CA ASN B 164 11.28 -4.20 -4.59
C ASN B 164 11.31 -3.85 -6.09
N LEU B 165 10.85 -2.66 -6.44
CA LEU B 165 10.70 -2.28 -7.84
C LEU B 165 11.32 -0.90 -8.13
N PRO B 166 11.97 -0.73 -9.30
CA PRO B 166 12.51 0.58 -9.65
C PRO B 166 11.46 1.49 -10.27
N ILE B 167 11.61 2.78 -9.98
CA ILE B 167 10.84 3.85 -10.59
C ILE B 167 11.32 4.01 -12.03
N VAL B 168 10.38 4.29 -12.92
CA VAL B 168 10.64 4.27 -14.34
C VAL B 168 10.47 5.70 -14.88
N GLU B 169 11.32 6.08 -15.84
CA GLU B 169 11.24 7.41 -16.51
C GLU B 169 9.87 7.67 -17.06
N ARG B 170 9.40 8.89 -16.84
CA ARG B 170 8.09 9.34 -17.31
C ARG B 170 7.79 9.00 -18.80
N PRO B 171 8.75 9.23 -19.75
CA PRO B 171 8.42 8.91 -21.17
C PRO B 171 8.16 7.41 -21.41
N VAL B 172 8.95 6.54 -20.78
CA VAL B 172 8.67 5.10 -20.85
C VAL B 172 7.27 4.75 -20.26
N CYS B 173 6.87 5.37 -19.13
CA CYS B 173 5.51 5.17 -18.59
C CYS B 173 4.46 5.53 -19.63
N LYS B 174 4.62 6.71 -20.24
CA LYS B 174 3.67 7.26 -21.21
C LYS B 174 3.49 6.33 -22.42
N ASP B 175 4.59 5.82 -22.96
CA ASP B 175 4.55 4.97 -24.17
C ASP B 175 3.93 3.60 -23.95
N SER B 176 3.83 3.18 -22.69
CA SER B 176 3.43 1.80 -22.34
C SER B 176 1.91 1.55 -22.29
N THR B 177 1.11 2.61 -22.37
CA THR B 177 -0.33 2.46 -22.16
C THR B 177 -1.06 3.51 -22.96
N ARG B 178 -2.28 3.18 -23.41
CA ARG B 178 -3.12 4.16 -24.09
C ARG B 178 -3.86 5.04 -23.10
N ILE B 179 -3.75 4.75 -21.80
CA ILE B 179 -4.48 5.53 -20.81
C ILE B 179 -3.73 6.84 -20.61
N ARG B 180 -4.48 7.93 -20.40
CA ARG B 180 -3.90 9.27 -20.23
C ARG B 180 -3.32 9.41 -18.81
N ILE B 181 -1.99 9.44 -18.70
CA ILE B 181 -1.34 9.59 -17.40
C ILE B 181 -1.20 11.08 -16.99
N THR B 182 -1.38 11.38 -15.72
CA THR B 182 -1.21 12.74 -15.20
C THR B 182 0.00 12.86 -14.30
N ASP B 183 0.19 14.05 -13.74
CA ASP B 183 1.34 14.30 -12.86
C ASP B 183 1.08 13.82 -11.44
N ASN B 184 -0.14 13.32 -11.22
CA ASN B 184 -0.48 12.71 -9.96
C ASN B 184 -0.21 11.21 -9.88
N MET B 185 0.62 10.69 -10.79
CA MET B 185 0.95 9.27 -10.89
C MET B 185 2.42 9.11 -11.21
N PHE B 186 3.02 8.01 -10.77
CA PHE B 186 4.29 7.58 -11.34
C PHE B 186 4.19 6.07 -11.64
N CYS B 187 5.17 5.52 -12.34
CA CYS B 187 5.07 4.12 -12.64
C CYS B 187 6.37 3.45 -12.21
N ALA B 188 6.29 2.17 -11.86
CA ALA B 188 7.44 1.38 -11.40
C ALA B 188 7.37 -0.04 -11.96
N GLY B 189 8.52 -0.69 -12.05
CA GLY B 189 8.59 -2.06 -12.56
C GLY B 189 9.88 -2.23 -13.33
N TYR B 190 10.26 -3.47 -13.61
CA TYR B 190 11.40 -3.72 -14.46
C TYR B 190 11.07 -3.60 -15.97
N LYS B 191 12.06 -3.18 -16.75
CA LYS B 191 11.93 -3.12 -18.21
C LYS B 191 12.16 -4.51 -18.80
N PRO B 192 11.53 -4.81 -19.96
CA PRO B 192 11.61 -6.18 -20.53
C PRO B 192 13.05 -6.70 -20.68
N ASP B 193 13.99 -5.81 -20.98
CA ASP B 193 15.41 -6.18 -21.10
C ASP B 193 16.21 -6.32 -19.79
N GLU B 194 15.58 -6.32 -18.62
CA GLU B 194 16.37 -6.32 -17.36
C GLU B 194 16.45 -7.68 -16.61
N GLY B 195 15.68 -8.66 -17.06
CA GLY B 195 15.70 -10.01 -16.46
C GLY B 195 15.38 -10.13 -14.96
N LYS B 196 14.59 -9.20 -14.44
CA LYS B 196 13.90 -9.39 -13.16
C LYS B 196 12.47 -9.03 -13.41
N ARG B 197 11.59 -9.52 -12.56
CA ARG B 197 10.15 -9.28 -12.71
C ARG B 197 9.56 -8.88 -11.35
N GLY B 198 8.28 -8.55 -11.35
CA GLY B 198 7.60 -8.23 -10.11
C GLY B 198 6.55 -7.19 -10.37
N ASP B 199 5.41 -7.32 -9.69
CA ASP B 199 4.33 -6.34 -9.81
C ASP B 199 3.34 -6.51 -8.65
N ALA B 200 2.51 -5.50 -8.44
CA ALA B 200 1.37 -5.67 -7.54
C ALA B 200 0.30 -6.37 -8.37
N CYS B 201 -0.75 -6.89 -7.72
CA CYS B 201 -1.83 -7.55 -8.43
C CYS B 201 -3.13 -7.38 -7.65
N GLU B 202 -4.23 -7.96 -8.15
CA GLU B 202 -5.54 -7.91 -7.48
C GLU B 202 -5.46 -8.12 -5.95
N GLY B 203 -6.10 -7.23 -5.19
CA GLY B 203 -6.05 -7.24 -3.73
C GLY B 203 -4.89 -6.46 -3.09
N ASP B 204 -3.90 -6.05 -3.89
CA ASP B 204 -2.79 -5.26 -3.36
C ASP B 204 -3.12 -3.77 -3.42
N SER B 205 -4.15 -3.41 -4.19
CA SER B 205 -4.47 -2.01 -4.37
C SER B 205 -4.69 -1.33 -3.05
N GLY B 206 -4.31 -0.04 -3.01
CA GLY B 206 -4.46 0.78 -1.83
C GLY B 206 -3.30 0.67 -0.85
N GLY B 207 -2.46 -0.33 -1.04
CA GLY B 207 -1.27 -0.52 -0.18
C GLY B 207 -0.13 0.45 -0.51
N PRO B 208 0.89 0.49 0.35
CA PRO B 208 1.96 1.51 0.25
C PRO B 208 3.15 1.11 -0.63
N PHE B 209 3.63 2.08 -1.40
CA PHE B 209 4.92 2.02 -2.05
C PHE B 209 5.82 2.89 -1.16
N VAL B 210 6.81 2.27 -0.51
CA VAL B 210 7.61 2.97 0.47
C VAL B 210 9.09 3.00 0.05
N MET B 211 9.82 4.04 0.49
CA MET B 211 11.27 4.13 0.25
C MET B 211 12.00 4.46 1.56
N LYS B 212 13.24 4.04 1.69
CA LYS B 212 13.99 4.31 2.92
C LYS B 212 15.04 5.40 2.68
N SER B 213 15.07 6.40 3.54
CA SER B 213 16.11 7.42 3.45
C SER B 213 17.38 6.96 4.17
N PRO B 214 18.53 7.00 3.46
CA PRO B 214 19.79 6.56 4.09
C PRO B 214 20.30 7.54 5.15
N PHE B 215 19.86 8.78 5.07
CA PHE B 215 20.37 9.84 5.94
C PHE B 215 19.72 9.92 7.29
N ASN B 216 18.44 9.58 7.40
CA ASN B 216 17.83 9.48 8.73
C ASN B 216 17.32 8.10 9.07
N ASN B 217 17.42 7.15 8.13
CA ASN B 217 16.97 5.75 8.38
C ASN B 217 15.46 5.48 8.42
N ARG B 218 14.65 6.46 8.04
CA ARG B 218 13.22 6.34 8.13
C ARG B 218 12.65 5.91 6.81
N TRP B 219 11.50 5.22 6.90
CA TRP B 219 10.71 4.86 5.75
C TRP B 219 9.63 5.89 5.42
N TYR B 220 9.50 6.20 4.12
CA TYR B 220 8.53 7.17 3.63
C TYR B 220 7.55 6.57 2.62
N GLN B 221 6.27 6.90 2.77
CA GLN B 221 5.34 6.48 1.76
C GLN B 221 5.35 7.44 0.57
N MET B 222 5.84 6.99 -0.57
CA MET B 222 5.93 7.83 -1.74
C MET B 222 4.77 7.60 -2.69
N GLY B 223 4.15 6.43 -2.61
CA GLY B 223 3.06 6.06 -3.51
C GLY B 223 2.00 5.17 -2.87
N ILE B 224 0.89 5.04 -3.58
CA ILE B 224 -0.19 4.14 -3.20
C ILE B 224 -0.43 3.25 -4.41
N VAL B 225 -0.56 1.93 -4.21
CA VAL B 225 -0.87 1.04 -5.34
C VAL B 225 -2.22 1.46 -5.94
N SER B 226 -2.18 1.92 -7.18
CA SER B 226 -3.37 2.49 -7.82
C SER B 226 -3.91 1.60 -8.94
N TRP B 227 -3.18 1.50 -10.04
CA TRP B 227 -3.73 0.77 -11.18
C TRP B 227 -2.66 0.19 -12.07
N GLY B 228 -3.12 -0.60 -13.04
CA GLY B 228 -2.27 -1.28 -14.02
C GLY B 228 -3.15 -2.04 -14.99
N GLU B 229 -2.51 -2.80 -15.88
CA GLU B 229 -3.21 -3.61 -16.89
C GLU B 229 -2.68 -5.03 -16.80
N GLY B 230 -3.45 -5.89 -16.11
CA GLY B 230 -2.99 -7.23 -15.73
C GLY B 230 -1.94 -7.19 -14.65
N CYS B 231 -1.12 -8.23 -14.55
CA CYS B 231 -0.11 -8.27 -13.51
C CYS B 231 1.16 -8.83 -14.09
N ASP B 232 2.25 -8.09 -13.94
CA ASP B 232 3.57 -8.56 -14.36
C ASP B 232 3.67 -8.80 -15.89
N ARG B 233 2.94 -8.04 -16.71
CA ARG B 233 3.10 -8.21 -18.16
C ARG B 233 4.36 -7.51 -18.69
N ASP B 234 5.03 -8.14 -19.65
CA ASP B 234 6.18 -7.53 -20.34
C ASP B 234 5.81 -6.25 -21.07
N GLY B 235 6.64 -5.21 -20.88
CA GLY B 235 6.42 -3.87 -21.44
C GLY B 235 5.26 -3.16 -20.78
N LYS B 236 4.86 -3.66 -19.62
CA LYS B 236 3.80 -3.04 -18.81
C LYS B 236 4.33 -2.64 -17.39
N TYR B 237 3.77 -1.56 -16.83
CA TYR B 237 4.24 -1.01 -15.52
C TYR B 237 3.09 -0.74 -14.57
N GLY B 238 3.30 -0.94 -13.27
CA GLY B 238 2.27 -0.56 -12.30
C GLY B 238 2.28 0.94 -12.09
N PHE B 239 1.10 1.51 -11.88
CA PHE B 239 0.97 2.93 -11.61
C PHE B 239 0.60 3.21 -10.17
N TYR B 240 1.16 4.29 -9.64
CA TYR B 240 1.04 4.63 -8.23
C TYR B 240 0.58 6.07 -8.04
N THR B 241 -0.32 6.28 -7.09
CA THR B 241 -0.69 7.63 -6.67
C THR B 241 0.53 8.38 -6.09
N HIS B 242 0.74 9.61 -6.55
CA HIS B 242 1.89 10.42 -6.15
C HIS B 242 1.61 11.08 -4.80
N VAL B 243 2.04 10.45 -3.71
CA VAL B 243 1.58 10.91 -2.40
C VAL B 243 1.95 12.38 -2.15
N PHE B 244 3.18 12.76 -2.45
CA PHE B 244 3.60 14.11 -2.22
C PHE B 244 2.76 15.19 -2.96
N ARG B 245 2.45 15.01 -4.25
CA ARG B 245 1.63 15.99 -4.97
C ARG B 245 0.27 16.20 -4.33
N LEU B 246 -0.20 15.24 -3.53
CA LEU B 246 -1.55 15.30 -2.97
C LEU B 246 -1.53 15.56 -1.48
N LYS B 247 -0.34 15.86 -0.97
CA LYS B 247 -0.15 16.08 0.45
C LYS B 247 -0.97 17.24 1.01
N LYS B 248 -1.25 18.25 0.18
CA LYS B 248 -2.00 19.43 0.63
C LYS B 248 -3.45 19.10 0.98
N TRP B 249 -4.07 18.24 0.18
CA TRP B 249 -5.38 17.69 0.49
C TRP B 249 -5.37 16.89 1.83
N ILE B 250 -4.36 16.03 2.01
CA ILE B 250 -4.25 15.23 3.23
C ILE B 250 -4.22 16.17 4.43
N GLN B 251 -3.47 17.24 4.27
CA GLN B 251 -3.24 18.19 5.32
C GLN B 251 -4.53 18.92 5.67
N LYS B 252 -5.31 19.28 4.65
CA LYS B 252 -6.60 19.90 4.86
C LYS B 252 -7.56 19.00 5.63
N VAL B 253 -7.65 17.73 5.22
CA VAL B 253 -8.58 16.79 5.83
C VAL B 253 -8.23 16.49 7.30
N ILE B 254 -6.96 16.21 7.55
CA ILE B 254 -6.51 15.95 8.91
C ILE B 254 -6.67 17.18 9.84
N ASP B 255 -6.40 18.37 9.33
CA ASP B 255 -6.47 19.61 10.11
C ASP B 255 -7.90 19.98 10.47
N GLN B 256 -8.75 20.01 9.45
CA GLN B 256 -10.17 20.32 9.59
C GLN B 256 -10.92 19.29 10.46
N PHE B 257 -10.56 18.00 10.34
CA PHE B 257 -11.34 16.91 10.96
C PHE B 257 -10.63 16.04 12.03
N ASP C 1 -11.92 -18.55 3.42
CA ASP C 1 -10.96 -19.36 4.24
C ASP C 1 -10.38 -18.59 5.44
N PHE C 2 -11.07 -17.54 5.85
CA PHE C 2 -10.67 -16.74 6.99
C PHE C 2 -11.09 -17.40 8.28
N GLU C 3 -10.18 -17.47 9.27
CA GLU C 3 -10.58 -17.88 10.63
C GLU C 3 -11.62 -16.87 11.10
N GLU C 4 -12.57 -17.27 11.92
CA GLU C 4 -13.54 -16.26 12.33
C GLU C 4 -13.05 -15.34 13.45
N ILE C 5 -13.52 -14.11 13.38
CA ILE C 5 -13.14 -13.07 14.30
C ILE C 5 -14.35 -12.88 15.20
N PRO C 6 -14.17 -12.29 16.41
CA PRO C 6 -15.28 -12.12 17.35
C PRO C 6 -16.47 -11.49 16.66
N GLU C 7 -17.66 -12.03 16.88
CA GLU C 7 -18.82 -11.56 16.12
C GLU C 7 -19.37 -10.17 16.54
N GLU C 8 -18.81 -9.61 17.62
CA GLU C 8 -19.06 -8.21 17.99
C GLU C 8 -18.75 -7.24 16.85
N TYR C 9 -17.71 -7.54 16.06
CA TYR C 9 -17.28 -6.69 14.95
C TYR C 9 -18.09 -6.87 13.68
N LEU C 10 -18.78 -7.99 13.56
CA LEU C 10 -19.47 -8.35 12.32
C LEU C 10 -20.99 -8.22 12.37
N GLN C 11 -21.54 -7.87 13.53
CA GLN C 11 -23.00 -7.97 13.72
C GLN C 11 -23.79 -6.88 12.98
N12 9MU D . -7.90 -3.05 -12.69
C15 9MU D . -7.17 -3.59 -13.87
C17 9MU D . -6.10 -4.60 -13.43
O20 9MU D . -5.39 -5.15 -14.28
C16 9MU D . -8.11 -4.22 -14.96
C18 9MU D . -8.84 -3.07 -15.64
C21 9MU D . -8.17 -2.34 -16.71
C22 9MU D . -10.15 -2.65 -15.20
C24 9MU D . -8.80 -1.19 -17.30
C25 9MU D . -10.77 -1.52 -15.80
C27 9MU D . -10.10 -0.80 -16.83
S11 9MU D . -7.48 -1.56 -12.03
O14 9MU D . -6.07 -1.43 -12.32
O13 9MU D . -7.95 -1.46 -10.72
C3 9MU D . -7.69 0.32 -13.95
C7 9MU D . -8.29 -0.39 -12.90
C9 9MU D . -9.64 0.00 -12.51
C5 9MU D . -10.31 1.05 -13.11
C6 9MU D . -10.35 2.87 -14.80
C10 9MU D . -9.70 3.54 -15.81
C8 9MU D . -8.39 3.18 -16.24
C4 9MU D . -7.72 2.14 -15.62
C1 9MU D . -8.36 1.41 -14.57
C2 9MU D . -9.68 1.78 -14.15
N19 9MU D . -5.95 -4.82 -12.07
C23 9MU D . -4.96 -5.75 -11.50
C26 9MU D . -3.79 -5.02 -10.76
C28 9MU D . -3.07 -4.02 -11.74
C29 9MU D . -4.29 -4.31 -9.47
N30 9MU D . -2.00 -3.35 -10.94
C31 9MU D . -3.13 -3.58 -8.77
C32 9MU D . -2.40 -2.57 -9.73
C33 9MU D . -0.63 -3.51 -11.34
N34 9MU D . 0.34 -2.89 -10.59
N35 9MU D . -0.38 -4.20 -12.36
C1 NAG E . -22.60 6.32 -2.30
C2 NAG E . -23.07 7.58 -3.05
C3 NAG E . -23.33 8.78 -2.14
C4 NAG E . -24.14 8.37 -0.91
C5 NAG E . -23.37 7.21 -0.24
C6 NAG E . -23.93 6.85 1.14
C7 NAG E . -22.23 7.55 -5.35
C8 NAG E . -21.27 8.16 -6.35
N2 NAG E . -22.17 8.05 -4.11
O3 NAG E . -23.99 9.80 -2.86
O4 NAG E . -24.31 9.46 -0.02
O5 NAG E . -23.37 6.11 -1.13
O6 NAG E . -24.71 5.68 1.07
O7 NAG E . -23.01 6.66 -5.67
#